data_9F8N
#
_entry.id   9F8N
#
_cell.length_a   54.016
_cell.length_b   68.849
_cell.length_c   54.170
_cell.angle_alpha   90.00
_cell.angle_beta   100.72
_cell.angle_gamma   90.00
#
_symmetry.space_group_name_H-M   'P 1 21 1'
#
loop_
_entity.id
_entity.type
_entity.pdbx_description
1 polymer 'Phenazine biosynthesis protein A/B'
2 non-polymer [2-(4-hydroxyphenyl)-6-oxidanyl-1-benzothiophen-3-yl]-[2-(2-methylpropylamino)phenyl]methanone
3 non-polymer GLYCEROL
4 water water
#
_entity_poly.entity_id   1
_entity_poly.type   'polypeptide(L)'
_entity_poly.pdbx_seq_one_letter_code
;MGSSHHHHHHSSGLVPRGSHMSDVESLENTSENRAQVAARQHNRKIVEQYMHTRGEARLKRHLLFTEDGVGGLWTTDSGQ
PIAIRGREKLGEHAVWSLQCFPDWVWTDIQIFETQDPNWFWVECRGEGAIVFPGYPRGQYRNHFLHSFRFENGLIKEQRE
FMNPCEQFRSLGIEVPEVRRDGLPS
;
_entity_poly.pdbx_strand_id   A,B
#
loop_
_chem_comp.id
_chem_comp.type
_chem_comp.name
_chem_comp.formula
A1IAD non-polymer [2-(4-hydroxyphenyl)-6-oxidanyl-1-benzothiophen-3-yl]-[2-(2-methylpropylamino)phenyl]methanone 'C25 H23 N O3 S'
GOL non-polymer GLYCEROL 'C3 H8 O3'
#
# COMPACT_ATOMS: atom_id res chain seq x y z
N SER A 31 30.58 -2.79 -17.00
CA SER A 31 29.44 -3.69 -17.00
C SER A 31 28.31 -3.18 -16.11
N GLU A 32 27.61 -2.15 -16.59
CA GLU A 32 26.51 -1.57 -15.84
C GLU A 32 25.43 -2.62 -15.58
N ASN A 33 25.05 -3.37 -16.62
CA ASN A 33 23.99 -4.36 -16.46
C ASN A 33 24.42 -5.44 -15.46
N ARG A 34 25.65 -5.92 -15.58
CA ARG A 34 26.14 -6.94 -14.64
C ARG A 34 26.07 -6.43 -13.20
N ALA A 35 26.47 -5.18 -12.98
CA ALA A 35 26.39 -4.62 -11.63
C ALA A 35 24.96 -4.52 -11.14
N GLN A 36 24.05 -4.10 -12.02
CA GLN A 36 22.65 -4.01 -11.60
C GLN A 36 22.08 -5.39 -11.28
N VAL A 37 22.41 -6.39 -12.10
CA VAL A 37 21.89 -7.73 -11.86
C VAL A 37 22.39 -8.27 -10.52
N ALA A 38 23.68 -8.06 -10.23
CA ALA A 38 24.25 -8.53 -8.97
C ALA A 38 23.59 -7.86 -7.79
N ALA A 39 23.39 -6.55 -7.88
CA ALA A 39 22.74 -5.84 -6.80
C ALA A 39 21.35 -6.38 -6.57
N ARG A 40 20.58 -6.55 -7.65
CA ARG A 40 19.20 -7.00 -7.47
C ARG A 40 19.12 -8.38 -6.83
N GLN A 41 20.01 -9.30 -7.23
CA GLN A 41 19.95 -10.65 -6.68
C GLN A 41 20.31 -10.65 -5.19
N HIS A 42 21.33 -9.87 -4.81
CA HIS A 42 21.68 -9.79 -3.40
C HIS A 42 20.57 -9.12 -2.60
N ASN A 43 20.06 -7.99 -3.11
CA ASN A 43 19.04 -7.28 -2.38
C ASN A 43 17.79 -8.12 -2.19
N ARG A 44 17.43 -8.92 -3.19
N ARG A 44 17.43 -8.92 -3.20
CA ARG A 44 16.28 -9.79 -3.04
CA ARG A 44 16.28 -9.82 -3.05
C ARG A 44 16.47 -10.75 -1.87
C ARG A 44 16.47 -10.78 -1.89
N LYS A 45 17.69 -11.26 -1.69
CA LYS A 45 17.94 -12.17 -0.57
C LYS A 45 17.75 -11.47 0.76
N ILE A 46 18.13 -10.20 0.84
CA ILE A 46 17.92 -9.42 2.07
C ILE A 46 16.43 -9.21 2.32
N VAL A 47 15.65 -8.89 1.26
CA VAL A 47 14.19 -8.75 1.43
C VAL A 47 13.59 -10.06 1.95
N GLU A 48 13.98 -11.17 1.34
CA GLU A 48 13.50 -12.48 1.79
C GLU A 48 13.84 -12.68 3.26
N GLN A 49 15.07 -12.36 3.66
N GLN A 49 15.09 -12.43 3.64
CA GLN A 49 15.46 -12.59 5.05
CA GLN A 49 15.50 -12.56 5.03
C GLN A 49 14.68 -11.68 5.99
C GLN A 49 14.59 -11.72 5.92
N TYR A 50 14.45 -10.43 5.60
CA TYR A 50 13.65 -9.55 6.43
C TYR A 50 12.26 -10.13 6.63
N MET A 51 11.60 -10.48 5.53
CA MET A 51 10.22 -10.93 5.60
C MET A 51 10.05 -12.22 6.38
N HIS A 52 11.10 -13.04 6.47
CA HIS A 52 11.06 -14.30 7.18
C HIS A 52 11.65 -14.21 8.58
N THR A 53 12.01 -13.01 9.03
CA THR A 53 12.56 -12.85 10.37
C THR A 53 11.44 -12.92 11.41
N ARG A 54 11.55 -13.90 12.30
CA ARG A 54 10.52 -14.17 13.29
C ARG A 54 11.16 -14.46 14.64
N GLY A 55 10.36 -14.35 15.68
CA GLY A 55 10.81 -14.74 17.01
C GLY A 55 12.02 -13.95 17.44
N GLU A 56 12.93 -14.62 18.16
CA GLU A 56 14.08 -13.92 18.73
C GLU A 56 14.97 -13.30 17.67
N ALA A 57 14.96 -13.83 16.44
CA ALA A 57 15.75 -13.24 15.37
C ALA A 57 15.33 -11.82 15.08
N ARG A 58 14.12 -11.42 15.47
CA ARG A 58 13.72 -10.03 15.28
C ARG A 58 14.67 -9.08 16.01
N LEU A 59 15.32 -9.54 17.09
CA LEU A 59 16.25 -8.69 17.83
C LEU A 59 17.46 -8.29 16.99
N LYS A 60 17.74 -8.99 15.90
CA LYS A 60 18.88 -8.68 15.04
C LYS A 60 18.49 -8.20 13.65
N ARG A 61 17.20 -7.97 13.41
CA ARG A 61 16.75 -7.56 12.08
C ARG A 61 17.34 -6.20 11.68
N HIS A 62 17.67 -5.35 12.65
CA HIS A 62 18.24 -4.06 12.34
C HIS A 62 19.59 -4.19 11.64
N LEU A 63 20.26 -5.34 11.75
CA LEU A 63 21.55 -5.50 11.08
C LEU A 63 21.39 -5.64 9.57
N LEU A 64 20.16 -5.74 9.08
CA LEU A 64 19.90 -5.71 7.63
C LEU A 64 19.84 -4.29 7.08
N PHE A 65 19.98 -3.27 7.92
CA PHE A 65 19.92 -1.88 7.55
C PHE A 65 21.31 -1.24 7.55
N THR A 66 21.45 -0.17 6.77
CA THR A 66 22.62 0.69 6.92
C THR A 66 22.57 1.37 8.29
N GLU A 67 23.70 1.93 8.73
CA GLU A 67 23.72 2.53 10.06
C GLU A 67 22.71 3.64 10.22
N ASP A 68 22.48 4.41 9.15
CA ASP A 68 21.49 5.49 9.16
C ASP A 68 20.15 5.07 8.53
N GLY A 69 19.94 3.77 8.40
CA GLY A 69 18.71 3.29 7.79
C GLY A 69 17.47 3.64 8.60
N VAL A 70 16.36 3.73 7.90
CA VAL A 70 15.08 4.13 8.47
C VAL A 70 14.06 3.05 8.15
N GLY A 71 13.24 2.72 9.15
CA GLY A 71 12.13 1.81 8.96
C GLY A 71 10.89 2.38 9.63
N GLY A 72 9.74 1.82 9.32
CA GLY A 72 8.56 2.18 10.09
C GLY A 72 7.27 2.11 9.30
N LEU A 73 6.24 2.72 9.90
CA LEU A 73 4.84 2.58 9.50
C LEU A 73 4.39 3.90 8.89
N TRP A 74 4.01 3.85 7.60
CA TRP A 74 3.68 5.08 6.89
C TRP A 74 2.20 5.41 6.93
N THR A 75 1.36 4.56 7.48
CA THR A 75 -0.10 4.74 7.50
C THR A 75 -0.55 4.64 8.95
N THR A 76 -0.87 5.77 9.58
CA THR A 76 -1.25 5.79 10.98
C THR A 76 -2.51 6.64 11.16
N ASP A 77 -3.04 6.57 12.37
CA ASP A 77 -4.22 7.36 12.71
C ASP A 77 -3.98 8.85 12.54
N SER A 78 -2.78 9.31 12.90
CA SER A 78 -2.54 10.74 12.92
C SER A 78 -2.27 11.28 11.53
N GLY A 79 -1.97 10.43 10.56
CA GLY A 79 -1.58 10.86 9.24
C GLY A 79 -0.11 11.13 9.02
N GLN A 80 0.72 11.01 10.05
CA GLN A 80 2.16 11.13 9.90
C GLN A 80 2.81 9.77 10.08
N PRO A 81 3.87 9.48 9.31
CA PRO A 81 4.58 8.21 9.53
C PRO A 81 5.21 8.13 10.91
N ILE A 82 5.33 6.89 11.39
CA ILE A 82 6.16 6.57 12.54
C ILE A 82 7.44 6.03 11.98
N ALA A 83 8.46 6.87 11.92
CA ALA A 83 9.74 6.53 11.31
C ALA A 83 10.73 6.28 12.42
N ILE A 84 11.38 5.14 12.37
CA ILE A 84 12.37 4.71 13.34
C ILE A 84 13.71 4.91 12.65
N ARG A 85 14.52 5.86 13.17
CA ARG A 85 15.66 6.40 12.43
C ARG A 85 16.97 5.91 13.02
N GLY A 86 17.67 5.09 12.23
CA GLY A 86 19.00 4.64 12.55
C GLY A 86 18.98 3.23 13.08
N ARG A 87 20.07 2.53 12.82
CA ARG A 87 20.16 1.13 13.23
C ARG A 87 20.00 0.96 14.73
N GLU A 88 20.53 1.87 15.54
CA GLU A 88 20.37 1.73 17.00
C GLU A 88 18.91 1.82 17.45
N LYS A 89 18.18 2.84 16.97
CA LYS A 89 16.77 2.92 17.30
C LYS A 89 15.97 1.76 16.74
N LEU A 90 16.33 1.25 15.56
CA LEU A 90 15.63 0.08 15.05
C LEU A 90 15.81 -1.12 15.98
N GLY A 91 17.03 -1.31 16.51
CA GLY A 91 17.25 -2.39 17.46
C GLY A 91 16.43 -2.24 18.74
N GLU A 92 16.26 -1.01 19.22
CA GLU A 92 15.42 -0.77 20.39
C GLU A 92 13.94 -1.08 20.10
N HIS A 93 13.46 -0.66 18.92
CA HIS A 93 12.09 -0.96 18.51
C HIS A 93 11.82 -2.45 18.53
N ALA A 94 12.81 -3.26 18.18
CA ALA A 94 12.59 -4.70 18.16
C ALA A 94 12.28 -5.23 19.54
N VAL A 95 12.90 -4.67 20.58
CA VAL A 95 12.60 -5.11 21.95
C VAL A 95 11.13 -4.86 22.24
N TRP A 96 10.64 -3.68 21.88
N TRP A 96 10.65 -3.66 21.91
CA TRP A 96 9.24 -3.35 22.10
CA TRP A 96 9.25 -3.33 22.19
C TRP A 96 8.33 -4.27 21.31
C TRP A 96 8.31 -4.14 21.31
N SER A 97 8.67 -4.50 20.04
N SER A 97 8.75 -4.49 20.11
CA SER A 97 7.80 -5.31 19.18
CA SER A 97 7.91 -5.27 19.20
C SER A 97 7.72 -6.75 19.68
C SER A 97 7.75 -6.70 19.68
N LEU A 98 8.81 -7.29 20.23
CA LEU A 98 8.72 -8.65 20.74
C LEU A 98 7.79 -8.75 21.95
N GLN A 99 7.64 -7.66 22.69
CA GLN A 99 6.68 -7.68 23.78
C GLN A 99 5.26 -7.43 23.28
N CYS A 100 5.07 -6.48 22.37
CA CYS A 100 3.73 -6.08 21.97
C CYS A 100 3.17 -6.94 20.85
N PHE A 101 4.02 -7.61 20.09
CA PHE A 101 3.60 -8.48 18.99
C PHE A 101 4.42 -9.76 19.11
N PRO A 102 4.15 -10.57 20.14
CA PRO A 102 5.11 -11.63 20.52
C PRO A 102 5.24 -12.77 19.52
N ASP A 103 4.23 -13.02 18.68
CA ASP A 103 4.25 -14.14 17.75
C ASP A 103 4.04 -13.68 16.30
N TRP A 104 4.34 -12.42 16.01
CA TRP A 104 4.01 -11.85 14.70
C TRP A 104 4.68 -12.60 13.57
N VAL A 105 3.89 -12.86 12.53
CA VAL A 105 4.40 -13.43 11.29
C VAL A 105 3.85 -12.66 10.10
N TRP A 106 4.69 -12.56 9.08
CA TRP A 106 4.28 -12.17 7.74
C TRP A 106 3.98 -13.44 6.94
N THR A 107 2.89 -13.40 6.18
CA THR A 107 2.39 -14.55 5.43
C THR A 107 2.04 -14.09 4.02
N ASP A 108 1.80 -15.04 3.12
CA ASP A 108 1.36 -14.72 1.75
C ASP A 108 2.33 -13.75 1.08
N ILE A 109 3.61 -14.01 1.27
CA ILE A 109 4.65 -13.05 0.89
C ILE A 109 4.88 -13.12 -0.61
N GLN A 110 4.75 -11.98 -1.29
CA GLN A 110 5.03 -11.85 -2.71
C GLN A 110 6.02 -10.71 -2.87
N ILE A 111 7.21 -11.02 -3.35
CA ILE A 111 8.27 -10.03 -3.51
C ILE A 111 8.32 -9.58 -4.97
N PHE A 112 8.32 -8.26 -5.17
CA PHE A 112 8.42 -7.65 -6.50
C PHE A 112 9.75 -6.93 -6.64
N GLU A 113 10.57 -7.45 -7.54
CA GLU A 113 11.70 -6.68 -8.02
C GLU A 113 11.16 -5.55 -8.89
N THR A 114 11.98 -4.54 -9.15
CA THR A 114 11.59 -3.45 -10.03
C THR A 114 12.72 -3.12 -10.99
N GLN A 115 12.48 -2.14 -11.87
CA GLN A 115 13.54 -1.70 -12.78
C GLN A 115 14.71 -1.07 -12.04
N ASP A 116 14.50 -0.63 -10.79
CA ASP A 116 15.57 -0.12 -9.95
C ASP A 116 16.09 -1.30 -9.14
N PRO A 117 17.33 -1.74 -9.38
CA PRO A 117 17.83 -2.90 -8.62
C PRO A 117 17.88 -2.69 -7.12
N ASN A 118 17.80 -1.44 -6.67
CA ASN A 118 17.80 -1.09 -5.25
C ASN A 118 16.42 -0.76 -4.71
N TRP A 119 15.34 -1.11 -5.39
CA TRP A 119 13.99 -0.85 -4.89
C TRP A 119 13.10 -2.06 -5.13
N PHE A 120 12.52 -2.58 -4.04
CA PHE A 120 11.61 -3.70 -4.06
C PHE A 120 10.32 -3.31 -3.38
N TRP A 121 9.24 -3.98 -3.77
CA TRP A 121 7.96 -3.92 -3.08
C TRP A 121 7.57 -5.32 -2.66
N VAL A 122 6.84 -5.41 -1.55
CA VAL A 122 6.34 -6.68 -1.07
C VAL A 122 4.87 -6.53 -0.75
N GLU A 123 4.05 -7.45 -1.23
CA GLU A 123 2.66 -7.57 -0.82
C GLU A 123 2.57 -8.79 0.10
N CYS A 124 1.90 -8.64 1.24
CA CYS A 124 1.79 -9.78 2.14
C CYS A 124 0.63 -9.53 3.11
N ARG A 125 0.41 -10.49 3.99
CA ARG A 125 -0.42 -10.28 5.16
C ARG A 125 0.46 -10.41 6.38
N GLY A 126 -0.07 -9.98 7.51
CA GLY A 126 0.61 -10.17 8.79
C GLY A 126 -0.41 -10.49 9.85
N GLU A 127 0.02 -11.27 10.84
CA GLU A 127 -0.90 -11.60 11.91
C GLU A 127 -0.17 -11.98 13.19
N GLY A 128 -0.86 -11.76 14.29
CA GLY A 128 -0.36 -12.20 15.58
C GLY A 128 -1.15 -11.58 16.68
N ALA A 129 -0.83 -12.01 17.89
CA ALA A 129 -1.39 -11.38 19.08
C ALA A 129 -0.94 -9.92 19.14
N ILE A 130 -1.82 -9.04 19.61
CA ILE A 130 -1.48 -7.64 19.85
C ILE A 130 -1.63 -7.36 21.34
N VAL A 131 -0.55 -6.92 21.96
CA VAL A 131 -0.48 -6.66 23.40
C VAL A 131 -0.02 -5.22 23.57
N PHE A 132 -0.89 -4.31 23.23
CA PHE A 132 -0.56 -2.91 23.16
C PHE A 132 -0.81 -2.29 24.53
N PRO A 133 0.10 -1.41 24.98
CA PRO A 133 -0.04 -0.89 26.35
C PRO A 133 -1.36 -0.18 26.53
N GLY A 134 -2.11 -0.61 27.55
CA GLY A 134 -3.35 0.06 27.93
C GLY A 134 -4.57 -0.36 27.14
N TYR A 135 -4.45 -1.38 26.30
CA TYR A 135 -5.57 -1.92 25.55
C TYR A 135 -5.73 -3.40 25.86
N PRO A 136 -6.91 -3.96 25.69
CA PRO A 136 -7.07 -5.40 25.94
C PRO A 136 -6.23 -6.20 24.96
N ARG A 137 -5.67 -7.30 25.45
N ARG A 137 -5.67 -7.31 25.44
CA ARG A 137 -4.97 -8.22 24.56
CA ARG A 137 -4.98 -8.24 24.56
C ARG A 137 -5.95 -8.66 23.47
C ARG A 137 -5.93 -8.71 23.47
N GLY A 138 -5.45 -8.73 22.25
CA GLY A 138 -6.27 -9.17 21.16
C GLY A 138 -5.50 -9.89 20.09
N GLN A 139 -6.12 -10.03 18.93
N GLN A 139 -6.13 -10.03 18.94
CA GLN A 139 -5.51 -10.63 17.76
CA GLN A 139 -5.54 -10.64 17.75
C GLN A 139 -5.61 -9.62 16.64
C GLN A 139 -5.63 -9.60 16.64
N TYR A 140 -4.51 -9.40 15.94
CA TYR A 140 -4.43 -8.44 14.85
C TYR A 140 -4.05 -9.16 13.57
N ARG A 141 -4.82 -8.94 12.51
N ARG A 141 -4.82 -8.92 12.51
CA ARG A 141 -4.54 -9.43 11.18
CA ARG A 141 -4.56 -9.45 11.18
C ARG A 141 -4.70 -8.28 10.22
C ARG A 141 -4.74 -8.30 10.18
N ASN A 142 -3.82 -8.18 9.24
CA ASN A 142 -3.98 -7.10 8.25
C ASN A 142 -3.25 -7.46 6.98
N HIS A 143 -3.60 -6.72 5.93
CA HIS A 143 -2.88 -6.74 4.65
C HIS A 143 -1.85 -5.62 4.66
N PHE A 144 -0.66 -5.89 4.11
CA PHE A 144 0.42 -4.93 4.10
C PHE A 144 1.07 -4.84 2.74
N LEU A 145 1.58 -3.65 2.45
CA LEU A 145 2.57 -3.44 1.40
C LEU A 145 3.82 -2.89 2.06
N HIS A 146 4.97 -3.37 1.61
CA HIS A 146 6.24 -2.87 2.09
C HIS A 146 7.06 -2.36 0.91
N SER A 147 7.77 -1.27 1.16
CA SER A 147 8.76 -0.74 0.25
C SER A 147 10.14 -0.87 0.87
N PHE A 148 11.09 -1.39 0.08
CA PHE A 148 12.48 -1.54 0.53
C PHE A 148 13.38 -0.84 -0.47
N ARG A 149 14.14 0.14 -0.02
CA ARG A 149 15.18 0.77 -0.81
C ARG A 149 16.54 0.49 -0.19
N PHE A 150 17.52 0.14 -1.04
CA PHE A 150 18.83 -0.36 -0.64
C PHE A 150 19.92 0.64 -0.97
N GLU A 151 20.99 0.56 -0.18
CA GLU A 151 22.25 1.23 -0.47
C GLU A 151 23.40 0.33 -0.05
N ASN A 152 24.30 0.03 -0.98
CA ASN A 152 25.50 -0.77 -0.68
C ASN A 152 25.17 -2.06 0.06
N GLY A 153 24.12 -2.75 -0.41
CA GLY A 153 23.84 -4.09 0.01
C GLY A 153 22.96 -4.23 1.24
N LEU A 154 22.53 -3.12 1.84
CA LEU A 154 21.68 -3.13 3.03
C LEU A 154 20.50 -2.17 2.84
N ILE A 155 19.51 -2.31 3.72
CA ILE A 155 18.29 -1.52 3.60
C ILE A 155 18.55 -0.11 4.10
N LYS A 156 18.30 0.87 3.23
CA LYS A 156 18.38 2.29 3.57
C LYS A 156 17.03 2.81 4.04
N GLU A 157 15.94 2.30 3.47
CA GLU A 157 14.61 2.75 3.86
C GLU A 157 13.61 1.61 3.68
N GLN A 158 12.96 1.26 4.77
CA GLN A 158 11.84 0.32 4.77
C GLN A 158 10.60 1.11 5.18
N ARG A 159 9.51 0.93 4.45
CA ARG A 159 8.23 1.54 4.79
C ARG A 159 7.13 0.52 4.68
N GLU A 160 6.21 0.52 5.63
CA GLU A 160 5.05 -0.36 5.54
C GLU A 160 3.75 0.43 5.52
N PHE A 161 2.80 -0.09 4.74
CA PHE A 161 1.54 0.58 4.45
C PHE A 161 0.39 -0.40 4.69
N MET A 162 -0.59 0.00 5.48
CA MET A 162 -1.74 -0.85 5.78
C MET A 162 -2.96 0.03 5.99
N ASN A 163 -4.11 -0.62 6.23
CA ASN A 163 -5.34 0.08 6.59
C ASN A 163 -5.42 0.16 8.11
N PRO A 164 -5.21 1.33 8.73
CA PRO A 164 -5.24 1.40 10.20
C PRO A 164 -6.56 0.98 10.81
N CYS A 165 -7.66 1.03 10.06
CA CYS A 165 -8.94 0.61 10.61
C CYS A 165 -8.90 -0.82 11.16
N GLU A 166 -8.12 -1.69 10.54
CA GLU A 166 -8.05 -3.06 11.05
C GLU A 166 -7.29 -3.12 12.37
N GLN A 167 -6.28 -2.27 12.54
CA GLN A 167 -5.60 -2.20 13.82
C GLN A 167 -6.52 -1.60 14.89
N PHE A 168 -7.30 -0.57 14.53
CA PHE A 168 -8.31 -0.08 15.47
C PHE A 168 -9.20 -1.23 15.96
N ARG A 169 -9.73 -2.01 15.02
N ARG A 169 -9.73 -2.04 15.03
CA ARG A 169 -10.60 -3.12 15.40
CA ARG A 169 -10.61 -3.12 15.45
C ARG A 169 -9.92 -4.09 16.35
C ARG A 169 -9.90 -4.06 16.41
N SER A 170 -8.63 -4.39 16.13
CA SER A 170 -7.92 -5.33 16.97
C SER A 170 -7.75 -4.80 18.39
N LEU A 171 -7.77 -3.48 18.56
CA LEU A 171 -7.62 -2.82 19.84
C LEU A 171 -8.95 -2.47 20.48
N GLY A 172 -10.06 -2.85 19.85
CA GLY A 172 -11.37 -2.51 20.39
C GLY A 172 -11.79 -1.08 20.20
N ILE A 173 -11.10 -0.34 19.33
CA ILE A 173 -11.39 1.06 19.05
C ILE A 173 -12.47 1.11 17.98
N GLU A 174 -13.50 1.91 18.20
CA GLU A 174 -14.58 2.00 17.25
C GLU A 174 -14.12 2.66 15.96
N VAL A 175 -14.46 2.06 14.83
CA VAL A 175 -14.08 2.58 13.52
C VAL A 175 -15.21 3.44 13.00
N PRO A 176 -14.93 4.67 12.57
CA PRO A 176 -15.92 5.49 11.90
C PRO A 176 -16.55 4.80 10.69
N GLU A 177 -17.82 5.05 10.46
CA GLU A 177 -18.54 4.43 9.34
C GLU A 177 -18.95 5.53 8.37
N VAL A 178 -18.42 5.47 7.15
CA VAL A 178 -18.85 6.40 6.12
C VAL A 178 -20.27 6.02 5.68
N ARG A 179 -21.17 7.00 5.64
CA ARG A 179 -22.54 6.74 5.21
C ARG A 179 -22.56 6.55 3.70
N ARG A 180 -23.11 5.43 3.23
CA ARG A 180 -23.08 5.09 1.80
C ARG A 180 -24.45 5.18 1.14
N ASP A 181 -25.46 5.69 1.84
CA ASP A 181 -26.81 5.67 1.28
C ASP A 181 -26.88 6.40 -0.04
N GLY A 182 -26.13 7.48 -0.16
CA GLY A 182 -26.21 8.27 -1.36
C GLY A 182 -25.37 7.78 -2.51
N LEU A 183 -24.67 6.68 -2.34
CA LEU A 183 -23.74 6.14 -3.32
C LEU A 183 -24.33 4.93 -4.02
N PRO A 184 -23.90 4.67 -5.27
CA PRO A 184 -24.38 3.50 -6.01
C PRO A 184 -24.10 2.20 -5.28
N GLU B 32 10.69 -16.38 -25.64
CA GLU B 32 10.10 -16.15 -24.32
C GLU B 32 10.44 -14.76 -23.81
N ASN B 33 11.73 -14.42 -23.78
CA ASN B 33 12.16 -13.11 -23.31
C ASN B 33 11.59 -12.01 -24.19
N ARG B 34 11.58 -12.22 -25.52
CA ARG B 34 11.05 -11.22 -26.41
C ARG B 34 9.57 -10.98 -26.15
N ALA B 35 8.81 -12.05 -25.90
CA ALA B 35 7.39 -11.89 -25.61
C ALA B 35 7.18 -11.18 -24.27
N GLN B 36 8.03 -11.46 -23.28
CA GLN B 36 7.91 -10.76 -22.00
C GLN B 36 8.26 -9.29 -22.14
N VAL B 37 9.33 -8.98 -22.88
CA VAL B 37 9.69 -7.57 -23.07
C VAL B 37 8.58 -6.80 -23.79
N ALA B 38 8.02 -7.39 -24.87
CA ALA B 38 6.94 -6.74 -25.59
C ALA B 38 5.77 -6.44 -24.68
N ALA B 39 5.38 -7.42 -23.87
CA ALA B 39 4.25 -7.24 -22.97
C ALA B 39 4.52 -6.12 -21.97
N ARG B 40 5.72 -6.11 -21.37
CA ARG B 40 6.00 -5.11 -20.35
C ARG B 40 5.97 -3.69 -20.92
N GLN B 41 6.54 -3.49 -22.11
CA GLN B 41 6.56 -2.15 -22.68
C GLN B 41 5.17 -1.64 -23.03
N HIS B 42 4.33 -2.51 -23.60
CA HIS B 42 2.96 -2.13 -23.90
C HIS B 42 2.18 -1.86 -22.63
N ASN B 43 2.29 -2.75 -21.64
CA ASN B 43 1.54 -2.59 -20.40
C ASN B 43 1.94 -1.31 -19.68
N ARG B 44 3.23 -0.97 -19.70
CA ARG B 44 3.66 0.26 -19.05
C ARG B 44 2.95 1.48 -19.64
N LYS B 45 2.75 1.48 -20.96
CA LYS B 45 2.07 2.62 -21.59
C LYS B 45 0.62 2.73 -21.12
N ILE B 46 -0.03 1.59 -20.92
CA ILE B 46 -1.40 1.58 -20.39
C ILE B 46 -1.42 2.11 -18.96
N VAL B 47 -0.47 1.70 -18.10
CA VAL B 47 -0.42 2.24 -16.74
C VAL B 47 -0.24 3.75 -16.78
N GLU B 48 0.70 4.23 -17.62
CA GLU B 48 0.91 5.66 -17.75
C GLU B 48 -0.38 6.35 -18.18
N GLN B 49 -1.06 5.80 -19.18
CA GLN B 49 -2.30 6.41 -19.64
C GLN B 49 -3.34 6.44 -18.51
N TYR B 50 -3.48 5.33 -17.78
CA TYR B 50 -4.45 5.30 -16.69
C TYR B 50 -4.15 6.40 -15.67
N MET B 51 -2.88 6.50 -15.24
CA MET B 51 -2.52 7.42 -14.17
C MET B 51 -2.67 8.87 -14.59
N HIS B 52 -2.57 9.16 -15.89
N HIS B 52 -2.58 9.15 -15.88
CA HIS B 52 -2.71 10.52 -16.38
CA HIS B 52 -2.70 10.52 -16.39
C HIS B 52 -4.15 10.88 -16.73
C HIS B 52 -4.12 10.82 -16.90
N THR B 53 -5.08 9.93 -16.67
CA THR B 53 -6.45 10.16 -17.11
C THR B 53 -7.15 11.08 -16.12
N ARG B 54 -7.73 12.15 -16.64
CA ARG B 54 -8.43 13.09 -15.80
C ARG B 54 -9.53 13.75 -16.61
N GLY B 55 -10.39 14.47 -15.89
CA GLY B 55 -11.44 15.22 -16.55
C GLY B 55 -12.41 14.29 -17.26
N GLU B 56 -12.92 14.77 -18.39
CA GLU B 56 -13.90 13.98 -19.14
C GLU B 56 -13.34 12.67 -19.68
N ALA B 57 -12.01 12.58 -19.86
CA ALA B 57 -11.41 11.32 -20.30
C ALA B 57 -11.67 10.19 -19.31
N ARG B 58 -11.98 10.51 -18.06
CA ARG B 58 -12.30 9.46 -17.10
C ARG B 58 -13.49 8.63 -17.54
N LEU B 59 -14.39 9.21 -18.35
CA LEU B 59 -15.56 8.47 -18.80
C LEU B 59 -15.19 7.31 -19.71
N LYS B 60 -13.96 7.27 -20.24
CA LYS B 60 -13.53 6.19 -21.12
C LYS B 60 -12.37 5.38 -20.56
N ARG B 61 -12.02 5.59 -19.31
CA ARG B 61 -10.90 4.86 -18.71
C ARG B 61 -11.17 3.37 -18.62
N HIS B 62 -12.45 2.98 -18.54
CA HIS B 62 -12.82 1.57 -18.48
C HIS B 62 -12.38 0.81 -19.73
N LEU B 63 -12.15 1.50 -20.84
CA LEU B 63 -11.72 0.83 -22.07
C LEU B 63 -10.29 0.34 -21.97
N LEU B 64 -9.57 0.69 -20.92
CA LEU B 64 -8.25 0.13 -20.64
C LEU B 64 -8.31 -1.24 -19.97
N PHE B 65 -9.50 -1.76 -19.66
CA PHE B 65 -9.70 -3.02 -18.96
C PHE B 65 -10.19 -4.10 -19.93
N THR B 66 -9.93 -5.34 -19.53
CA THR B 66 -10.61 -6.48 -20.15
C THR B 66 -12.11 -6.42 -19.85
N GLU B 67 -12.91 -7.14 -20.64
CA GLU B 67 -14.35 -7.10 -20.44
C GLU B 67 -14.74 -7.50 -19.02
N ASP B 68 -14.00 -8.45 -18.43
CA ASP B 68 -14.25 -8.92 -17.07
C ASP B 68 -13.29 -8.30 -16.06
N GLY B 69 -12.61 -7.23 -16.44
CA GLY B 69 -11.66 -6.62 -15.53
C GLY B 69 -12.32 -6.03 -14.30
N VAL B 70 -11.53 -5.94 -13.25
CA VAL B 70 -11.97 -5.45 -11.94
C VAL B 70 -11.09 -4.27 -11.53
N GLY B 71 -11.72 -3.26 -10.95
CA GLY B 71 -10.99 -2.15 -10.35
C GLY B 71 -11.61 -1.80 -9.01
N GLY B 72 -10.91 -1.03 -8.20
CA GLY B 72 -11.53 -0.50 -7.02
C GLY B 72 -10.55 -0.25 -5.90
N LEU B 73 -11.14 -0.01 -4.71
CA LEU B 73 -10.48 0.48 -3.52
C LEU B 73 -10.38 -0.66 -2.50
N TRP B 74 -9.14 -1.01 -2.15
CA TRP B 74 -8.94 -2.18 -1.30
C TRP B 74 -8.83 -1.83 0.17
N THR B 75 -8.83 -0.56 0.54
CA THR B 75 -8.66 -0.10 1.91
C THR B 75 -9.83 0.81 2.26
N THR B 76 -10.79 0.30 3.03
CA THR B 76 -11.98 1.06 3.38
C THR B 76 -12.26 0.94 4.88
N ASP B 77 -13.24 1.74 5.33
CA ASP B 77 -13.62 1.72 6.73
C ASP B 77 -14.12 0.36 7.15
N SER B 78 -14.85 -0.33 6.29
CA SER B 78 -15.47 -1.57 6.70
C SER B 78 -14.49 -2.72 6.72
N GLY B 79 -13.34 -2.55 6.10
CA GLY B 79 -12.38 -3.63 5.96
C GLY B 79 -12.56 -4.52 4.74
N GLN B 80 -13.62 -4.34 3.96
CA GLN B 80 -13.80 -5.09 2.73
C GLN B 80 -13.53 -4.19 1.52
N PRO B 81 -12.90 -4.72 0.46
CA PRO B 81 -12.70 -3.89 -0.73
C PRO B 81 -14.01 -3.49 -1.36
N ILE B 82 -14.00 -2.35 -2.03
CA ILE B 82 -15.07 -1.94 -2.93
C ILE B 82 -14.56 -2.26 -4.33
N ALA B 83 -14.97 -3.41 -4.84
CA ALA B 83 -14.53 -3.90 -6.13
C ALA B 83 -15.63 -3.65 -7.15
N ILE B 84 -15.24 -3.07 -8.27
CA ILE B 84 -16.14 -2.73 -9.36
C ILE B 84 -15.83 -3.76 -10.46
N ARG B 85 -16.79 -4.60 -10.76
CA ARG B 85 -16.56 -5.83 -11.51
C ARG B 85 -17.11 -5.75 -12.92
N GLY B 86 -16.20 -5.73 -13.87
CA GLY B 86 -16.56 -5.74 -15.27
C GLY B 86 -16.46 -4.37 -15.90
N ARG B 87 -16.08 -4.37 -17.18
N ARG B 87 -16.09 -4.38 -17.18
CA ARG B 87 -15.89 -3.12 -17.90
CA ARG B 87 -15.89 -3.13 -17.91
C ARG B 87 -17.14 -2.27 -17.88
C ARG B 87 -17.14 -2.27 -17.90
N GLU B 88 -18.32 -2.87 -18.01
CA GLU B 88 -19.56 -2.08 -17.98
C GLU B 88 -19.78 -1.35 -16.64
N LYS B 89 -19.63 -2.08 -15.53
CA LYS B 89 -19.76 -1.44 -14.22
C LYS B 89 -18.67 -0.40 -13.98
N LEU B 90 -17.45 -0.62 -14.51
CA LEU B 90 -16.41 0.38 -14.37
C LEU B 90 -16.80 1.66 -15.10
N GLY B 91 -17.39 1.53 -16.29
CA GLY B 91 -17.87 2.73 -16.98
C GLY B 91 -18.94 3.48 -16.22
N GLU B 92 -19.84 2.74 -15.55
CA GLU B 92 -20.85 3.39 -14.72
C GLU B 92 -20.25 4.10 -13.50
N HIS B 93 -19.26 3.48 -12.87
CA HIS B 93 -18.58 4.09 -11.74
C HIS B 93 -17.95 5.41 -12.12
N ALA B 94 -17.47 5.53 -13.35
CA ALA B 94 -16.83 6.78 -13.76
C ALA B 94 -17.81 7.93 -13.71
N VAL B 95 -19.07 7.68 -14.04
CA VAL B 95 -20.08 8.74 -13.95
C VAL B 95 -20.19 9.23 -12.52
N TRP B 96 -20.27 8.30 -11.56
N TRP B 96 -20.28 8.29 -11.56
CA TRP B 96 -20.37 8.69 -10.16
CA TRP B 96 -20.36 8.70 -10.16
C TRP B 96 -19.09 9.38 -9.70
C TRP B 96 -19.09 9.39 -9.71
N SER B 97 -17.93 8.90 -10.17
CA SER B 97 -16.67 9.49 -9.78
C SER B 97 -16.56 10.94 -10.24
N LEU B 98 -17.03 11.23 -11.45
CA LEU B 98 -16.96 12.62 -11.91
C LEU B 98 -17.88 13.54 -11.12
N GLN B 99 -18.92 12.99 -10.50
CA GLN B 99 -19.77 13.79 -9.63
C GLN B 99 -19.13 14.02 -8.27
N CYS B 100 -18.64 12.95 -7.65
CA CYS B 100 -18.14 13.01 -6.28
C CYS B 100 -16.69 13.44 -6.18
N PHE B 101 -15.90 13.28 -7.23
CA PHE B 101 -14.49 13.71 -7.26
C PHE B 101 -14.30 14.45 -8.59
N PRO B 102 -14.89 15.64 -8.70
CA PRO B 102 -15.03 16.28 -10.03
C PRO B 102 -13.73 16.72 -10.67
N ASP B 103 -12.66 16.91 -9.90
CA ASP B 103 -11.40 17.44 -10.41
C ASP B 103 -10.19 16.60 -9.97
N TRP B 104 -10.40 15.32 -9.73
CA TRP B 104 -9.36 14.45 -9.19
C TRP B 104 -8.16 14.38 -10.12
N VAL B 105 -6.96 14.48 -9.52
CA VAL B 105 -5.69 14.33 -10.23
C VAL B 105 -4.80 13.39 -9.42
N TRP B 106 -4.08 12.51 -10.12
CA TRP B 106 -2.97 11.74 -9.55
C TRP B 106 -1.69 12.52 -9.81
N THR B 107 -0.88 12.70 -8.78
CA THR B 107 0.38 13.46 -8.84
C THR B 107 1.53 12.58 -8.35
N ASP B 108 2.78 13.05 -8.55
CA ASP B 108 3.95 12.39 -7.99
C ASP B 108 3.98 10.92 -8.39
N ILE B 109 3.70 10.65 -9.65
CA ILE B 109 3.52 9.28 -10.12
C ILE B 109 4.88 8.63 -10.30
N GLN B 110 5.08 7.48 -9.66
N GLN B 110 5.06 7.47 -9.65
CA GLN B 110 6.27 6.65 -9.90
CA GLN B 110 6.22 6.60 -9.82
C GLN B 110 5.82 5.21 -10.21
C GLN B 110 5.70 5.24 -10.25
N ILE B 111 6.08 4.79 -11.45
CA ILE B 111 5.67 3.49 -11.96
C ILE B 111 6.80 2.48 -11.76
N PHE B 112 6.44 1.32 -11.19
CA PHE B 112 7.37 0.23 -10.96
C PHE B 112 6.97 -0.95 -11.83
N GLU B 113 7.83 -1.28 -12.79
CA GLU B 113 7.75 -2.56 -13.46
C GLU B 113 8.22 -3.62 -12.48
N THR B 114 7.88 -4.87 -12.75
CA THR B 114 8.30 -5.99 -11.91
C THR B 114 8.83 -7.13 -12.77
N GLN B 115 9.27 -8.20 -12.12
CA GLN B 115 9.72 -9.38 -12.84
C GLN B 115 8.59 -10.02 -13.63
N ASP B 116 7.34 -9.78 -13.24
CA ASP B 116 6.17 -10.24 -13.99
C ASP B 116 5.82 -9.15 -14.99
N PRO B 117 5.97 -9.40 -16.30
CA PRO B 117 5.68 -8.34 -17.27
C PRO B 117 4.23 -7.87 -17.24
N ASN B 118 3.34 -8.65 -16.65
CA ASN B 118 1.93 -8.31 -16.51
C ASN B 118 1.55 -7.77 -15.13
N TRP B 119 2.51 -7.36 -14.31
CA TRP B 119 2.20 -6.81 -12.99
C TRP B 119 3.05 -5.57 -12.76
N PHE B 120 2.38 -4.46 -12.46
CA PHE B 120 2.99 -3.18 -12.16
C PHE B 120 2.47 -2.67 -10.82
N TRP B 121 3.30 -1.86 -10.14
CA TRP B 121 2.87 -1.11 -8.97
C TRP B 121 3.14 0.36 -9.24
N VAL B 122 2.32 1.21 -8.63
CA VAL B 122 2.48 2.65 -8.76
C VAL B 122 2.40 3.26 -7.37
N GLU B 123 3.35 4.13 -7.06
CA GLU B 123 3.29 4.97 -5.86
C GLU B 123 2.96 6.38 -6.33
N CYS B 124 1.98 7.03 -5.70
CA CYS B 124 1.60 8.36 -6.13
C CYS B 124 0.85 9.06 -5.01
N ARG B 125 0.45 10.29 -5.30
CA ARG B 125 -0.51 11.00 -4.46
C ARG B 125 -1.73 11.30 -5.32
N GLY B 126 -2.80 11.70 -4.66
CA GLY B 126 -3.99 12.14 -5.37
C GLY B 126 -4.61 13.30 -4.62
N GLU B 127 -5.33 14.13 -5.36
CA GLU B 127 -5.95 15.30 -4.75
C GLU B 127 -7.15 15.76 -5.57
N GLY B 128 -8.14 16.31 -4.86
CA GLY B 128 -9.27 16.94 -5.50
C GLY B 128 -10.36 17.23 -4.50
N ALA B 129 -11.35 17.97 -4.96
CA ALA B 129 -12.54 18.15 -4.15
C ALA B 129 -13.21 16.81 -3.89
N ILE B 130 -13.79 16.67 -2.71
CA ILE B 130 -14.61 15.50 -2.40
C ILE B 130 -16.03 16.01 -2.15
N VAL B 131 -16.98 15.47 -2.91
CA VAL B 131 -18.37 15.91 -2.86
C VAL B 131 -19.21 14.67 -2.62
N PHE B 132 -19.16 14.16 -1.41
CA PHE B 132 -19.83 12.92 -1.05
C PHE B 132 -21.25 13.21 -0.61
N PRO B 133 -22.19 12.37 -1.00
CA PRO B 133 -23.59 12.66 -0.66
C PRO B 133 -23.80 12.73 0.85
N GLY B 134 -24.38 13.82 1.29
CA GLY B 134 -24.70 13.99 2.69
C GLY B 134 -23.56 14.44 3.57
N TYR B 135 -22.43 14.83 2.99
CA TYR B 135 -21.31 15.35 3.74
C TYR B 135 -20.98 16.74 3.21
N PRO B 136 -20.36 17.59 4.02
CA PRO B 136 -19.94 18.90 3.49
C PRO B 136 -18.89 18.71 2.41
N ARG B 137 -18.95 19.56 1.40
CA ARG B 137 -17.89 19.56 0.40
C ARG B 137 -16.55 19.80 1.08
N GLY B 138 -15.53 19.07 0.64
CA GLY B 138 -14.22 19.18 1.24
C GLY B 138 -13.14 19.07 0.18
N GLN B 139 -11.90 19.11 0.64
N GLN B 139 -11.89 19.07 0.65
CA GLN B 139 -10.76 18.87 -0.21
CA GLN B 139 -10.73 18.90 -0.20
C GLN B 139 -10.09 17.64 0.33
C GLN B 139 -9.96 17.70 0.32
N TYR B 140 -9.77 16.71 -0.54
CA TYR B 140 -9.17 15.43 -0.16
C TYR B 140 -7.79 15.32 -0.80
N ARG B 141 -6.81 14.98 0.02
CA ARG B 141 -5.47 14.68 -0.43
C ARG B 141 -5.03 13.38 0.24
N ASN B 142 -4.35 12.52 -0.51
CA ASN B 142 -3.87 11.30 0.13
C ASN B 142 -2.71 10.73 -0.67
N HIS B 143 -1.99 9.83 -0.03
CA HIS B 143 -0.97 9.00 -0.66
C HIS B 143 -1.62 7.68 -1.10
N PHE B 144 -1.21 7.18 -2.26
CA PHE B 144 -1.78 5.94 -2.78
C PHE B 144 -0.72 4.99 -3.32
N LEU B 145 -1.04 3.70 -3.23
CA LEU B 145 -0.36 2.68 -3.99
C LEU B 145 -1.40 2.02 -4.87
N HIS B 146 -1.02 1.73 -6.11
CA HIS B 146 -1.88 1.01 -7.03
C HIS B 146 -1.17 -0.26 -7.50
N SER B 147 -1.96 -1.30 -7.69
CA SER B 147 -1.53 -2.53 -8.32
C SER B 147 -2.28 -2.69 -9.64
N PHE B 148 -1.54 -3.00 -10.70
CA PHE B 148 -2.12 -3.26 -12.02
C PHE B 148 -1.65 -4.63 -12.52
N ARG B 149 -2.60 -5.53 -12.76
CA ARG B 149 -2.32 -6.81 -13.40
C ARG B 149 -3.01 -6.86 -14.76
N PHE B 150 -2.30 -7.36 -15.76
CA PHE B 150 -2.70 -7.33 -17.15
C PHE B 150 -2.98 -8.71 -17.70
N GLU B 151 -3.84 -8.76 -18.70
N GLU B 151 -3.86 -8.76 -18.70
CA GLU B 151 -4.11 -9.95 -19.50
CA GLU B 151 -4.06 -9.96 -19.50
C GLU B 151 -4.32 -9.50 -20.94
C GLU B 151 -4.35 -9.55 -20.93
N ASN B 152 -3.53 -10.04 -21.87
CA ASN B 152 -3.70 -9.78 -23.31
C ASN B 152 -3.83 -8.28 -23.59
N GLY B 153 -2.93 -7.51 -23.01
CA GLY B 153 -2.78 -6.12 -23.38
C GLY B 153 -3.65 -5.14 -22.64
N LEU B 154 -4.52 -5.62 -21.74
CA LEU B 154 -5.43 -4.73 -21.02
C LEU B 154 -5.41 -5.07 -19.53
N ILE B 155 -5.95 -4.16 -18.72
CA ILE B 155 -5.95 -4.34 -17.28
C ILE B 155 -7.01 -5.37 -16.89
N LYS B 156 -6.57 -6.45 -16.22
CA LYS B 156 -7.44 -7.46 -15.64
C LYS B 156 -7.84 -7.10 -14.21
N GLU B 157 -6.93 -6.51 -13.43
CA GLU B 157 -7.22 -6.13 -12.06
C GLU B 157 -6.43 -4.89 -11.69
N GLN B 158 -7.15 -3.85 -11.28
CA GLN B 158 -6.57 -2.65 -10.70
C GLN B 158 -7.05 -2.58 -9.25
N ARG B 159 -6.12 -2.32 -8.34
CA ARG B 159 -6.45 -2.11 -6.93
C ARG B 159 -5.73 -0.90 -6.41
N GLU B 160 -6.41 -0.10 -5.60
CA GLU B 160 -5.75 1.01 -4.95
C GLU B 160 -5.84 0.90 -3.43
N PHE B 161 -4.78 1.37 -2.79
CA PHE B 161 -4.55 1.23 -1.36
C PHE B 161 -4.16 2.58 -0.79
N MET B 162 -4.84 3.01 0.27
CA MET B 162 -4.55 4.27 0.93
C MET B 162 -4.86 4.14 2.42
N ASN B 163 -4.62 5.21 3.16
CA ASN B 163 -4.99 5.32 4.55
C ASN B 163 -6.37 5.97 4.64
N PRO B 164 -7.43 5.23 4.98
CA PRO B 164 -8.77 5.85 5.01
C PRO B 164 -8.92 6.97 6.01
N CYS B 165 -8.04 7.07 7.00
CA CYS B 165 -8.15 8.16 7.96
C CYS B 165 -8.05 9.53 7.31
N GLU B 166 -7.29 9.65 6.21
CA GLU B 166 -7.24 10.95 5.54
C GLU B 166 -8.54 11.26 4.83
N GLN B 167 -9.22 10.24 4.32
CA GLN B 167 -10.52 10.48 3.70
C GLN B 167 -11.57 10.82 4.75
N PHE B 168 -11.50 10.17 5.93
CA PHE B 168 -12.35 10.59 7.03
C PHE B 168 -12.16 12.07 7.32
N ARG B 169 -10.90 12.51 7.47
CA ARG B 169 -10.64 13.92 7.75
C ARG B 169 -11.25 14.82 6.69
N SER B 170 -11.15 14.45 5.41
CA SER B 170 -11.67 15.30 4.37
C SER B 170 -13.18 15.44 4.43
N LEU B 171 -13.86 14.46 5.03
CA LEU B 171 -15.31 14.41 5.19
C LEU B 171 -15.79 14.98 6.52
N GLY B 172 -14.88 15.46 7.38
CA GLY B 172 -15.27 15.93 8.69
C GLY B 172 -15.60 14.85 9.69
N ILE B 173 -15.23 13.60 9.42
CA ILE B 173 -15.45 12.48 10.30
C ILE B 173 -14.30 12.39 11.29
N GLU B 174 -14.62 12.30 12.58
CA GLU B 174 -13.61 12.18 13.63
C GLU B 174 -12.81 10.90 13.47
N VAL B 175 -11.49 11.02 13.55
CA VAL B 175 -10.60 9.87 13.46
C VAL B 175 -10.23 9.45 14.88
N PRO B 176 -10.37 8.18 15.25
CA PRO B 176 -9.93 7.78 16.59
C PRO B 176 -8.43 7.92 16.71
N GLU B 177 -8.00 8.13 17.96
CA GLU B 177 -6.60 8.35 18.25
C GLU B 177 -6.14 7.20 19.12
N VAL B 178 -5.18 6.43 18.62
CA VAL B 178 -4.54 5.40 19.44
C VAL B 178 -3.72 6.07 20.53
N ARG B 179 -3.89 5.61 21.76
CA ARG B 179 -3.13 6.18 22.87
C ARG B 179 -1.70 5.66 22.80
N ARG B 180 -0.73 6.57 22.81
CA ARG B 180 0.67 6.19 22.63
C ARG B 180 1.50 6.36 23.90
N ASP B 181 0.86 6.65 25.03
CA ASP B 181 1.63 6.95 26.23
C ASP B 181 2.53 5.79 26.65
N GLY B 182 2.06 4.56 26.44
CA GLY B 182 2.80 3.42 26.91
C GLY B 182 3.88 2.95 25.95
N LEU B 183 4.07 3.69 24.82
CA LEU B 183 5.00 3.32 23.76
C LEU B 183 6.23 4.21 23.79
N PRO B 184 7.39 3.72 23.35
CA PRO B 184 8.59 4.56 23.27
C PRO B 184 8.40 5.78 22.39
C10 A1IAD C . 4.57 1.67 14.60
C10 A1IAD C . 4.43 1.40 14.48
C15 A1IAD C . 2.53 2.95 17.02
C15 A1IAD C . 2.61 2.07 16.98
C11 A1IAD C . 3.78 0.55 14.78
C11 A1IAD C . 3.79 0.18 14.69
C12 A1IAD C . 2.47 0.73 15.58
C12 A1IAD C . 2.43 0.15 15.37
C14 A1IAD C . 1.94 2.09 16.09
C14 A1IAD C . 1.94 1.45 15.95
C01 A1IAD C . 2.26 -4.55 13.61
C01 A1IAD C . 4.37 -5.91 14.26
C02 A1IAD C . 3.77 -4.35 13.62
C02 A1IAD C . 3.48 -4.67 14.16
C03 A1IAD C . 4.48 -5.67 13.98
C03 A1IAD C . 2.40 -4.84 13.08
C04 A1IAD C . 4.17 -3.21 14.57
C04 A1IAD C . 4.33 -3.45 13.87
C06 A1IAD C . 4.21 -0.67 14.21
C06 A1IAD C . 4.36 -0.99 14.23
C07 A1IAD C . 5.41 -0.72 13.49
C07 A1IAD C . 5.59 -0.98 13.61
C08 A1IAD C . 6.19 0.40 13.33
C08 A1IAD C . 6.21 0.24 13.42
C09 A1IAD C . 5.77 1.59 13.89
C09 A1IAD C . 5.66 1.41 13.86
C16 A1IAD C . 3.75 2.84 17.70
C16 A1IAD C . 3.77 1.72 17.65
C17 A1IAD C . 4.37 1.65 18.02
C17 A1IAD C . 3.87 0.49 18.27
C18 A1IAD C . 5.58 1.68 18.75
C18 A1IAD C . 5.03 0.17 18.94
C19 A1IAD C . 6.15 2.90 19.07
C19 A1IAD C . 6.08 1.07 18.99
C21 A1IAD C . 5.53 4.08 18.74
C21 A1IAD C . 5.99 2.31 18.36
C22 A1IAD C . 4.34 4.05 18.04
C22 A1IAD C . 4.81 2.64 17.70
C24 A1IAD C . 0.22 3.72 16.10
C24 A1IAD C . 0.45 3.29 16.14
C25 A1IAD C . -1.01 4.21 15.67
C25 A1IAD C . -0.68 4.06 15.78
C26 A1IAD C . -1.77 3.50 14.73
C26 A1IAD C . -1.51 3.62 14.75
C28 A1IAD C . -1.30 2.29 14.24
C28 A1IAD C . -1.22 2.44 14.10
C29 A1IAD C . -0.10 1.79 14.67
C29 A1IAD C . -0.12 1.70 14.47
C30 A1IAD C . 0.68 2.51 15.63
C30 A1IAD C . 0.75 2.11 15.52
N05 A1IAD C . 3.48 -1.94 14.31
N05 A1IAD C . 3.71 -2.26 14.43
O13 A1IAD C . 1.76 -0.19 15.87
O13 A1IAD C . 1.79 -0.84 15.46
O20 A1IAD C . 7.36 2.95 19.77
O20 A1IAD C . 7.25 0.71 19.68
O27 A1IAD C . -2.99 4.01 14.31
O27 A1IAD C . -2.63 4.36 14.40
S23 A1IAD C . 1.41 4.30 17.24
S23 A1IAD C . 1.72 3.48 17.35
H101 A1IAD C . 4.26 2.63 15.02
H101 A1IAD C . 3.96 2.32 14.80
H011 A1IAD C . 2.03 -5.61 13.66
H011 A1IAD C . 5.25 -5.77 13.64
H012 A1IAD C . 1.81 -4.05 14.45
H012 A1IAD C . 4.67 -6.04 15.30
H013 A1IAD C . 1.85 -4.14 12.69
H013 A1IAD C . 3.82 -6.78 13.93
H021 A1IAD C . 4.09 -4.06 12.63
H021 A1IAD C . 2.98 -4.55 15.11
H033 A1IAD C . 5.55 -5.51 14.03
H033 A1IAD C . 2.88 -5.05 12.12
H032 A1IAD C . 4.12 -6.02 14.96
H032 A1IAD C . 1.76 -5.67 13.34
H031 A1IAD C . 4.25 -6.42 13.24
H031 A1IAD C . 1.83 -3.93 13.00
H041 A1IAD C . 5.24 -3.04 14.47
H041 A1IAD C . 4.43 -3.32 12.80
H042 A1IAD C . 3.95 -3.52 15.59
H042 A1IAD C . 5.31 -3.58 14.31
H071 A1IAD C . 5.74 -1.66 13.06
H071 A1IAD C . 6.06 -1.90 13.28
H081 A1IAD C . 7.11 0.35 12.78
H081 A1IAD C . 7.16 0.27 12.90
H091 A1IAD C . 6.38 2.49 13.77
H091 A1IAD C . 6.19 2.35 13.73
H171 A1IAD C . 3.94 0.71 17.73
H171 A1IAD C . 3.06 -0.22 18.23
H181 A1IAD C . 6.07 0.75 19.04
H181 A1IAD C . 5.12 -0.79 19.43
H211 A1IAD C . 5.97 5.03 19.01
H211 A1IAD C . 6.81 3.00 18.40
H221 A1IAD C . 3.85 4.98 17.77
H221 A1IAD C . 4.71 3.61 17.23
H251 A1IAD C . -1.38 5.16 16.05
H251 A1IAD C . -0.90 4.97 16.32
H281 A1IAD C . -1.90 1.73 13.52
H281 A1IAD C . -1.86 2.09 13.30
H291 A1IAD C . 0.27 0.85 14.29
H291 A1IAD C . 0.10 0.77 13.95
H051 A1IAD C . 2.48 -1.94 14.20
H051 A1IAD C . 2.85 -2.32 14.93
H201 A1IAD C . 7.79 2.11 19.71
H201 A1IAD C . 7.03 0.11 20.37
H271 A1IAD C . -3.39 4.50 15.02
H271 A1IAD C . -3.39 3.98 14.81
C1 GOL D . -9.41 -7.06 12.00
O1 GOL D . -8.82 -7.43 10.78
C2 GOL D . -8.70 -7.87 13.11
O2 GOL D . -7.34 -7.55 13.18
C3 GOL D . -9.48 -7.53 14.41
O3 GOL D . -9.42 -8.65 15.23
H11 GOL D . -10.36 -7.24 12.02
H12 GOL D . -9.32 -6.11 12.18
HO1 GOL D . -9.24 -7.02 10.17
H2 GOL D . -8.74 -8.82 12.93
HO2 GOL D . -7.27 -6.71 13.31
H31 GOL D . -10.39 -7.26 14.17
H32 GOL D . -9.08 -6.73 14.81
HO3 GOL D . -8.64 -8.69 15.56
C1 GOL E . 11.77 -5.04 -14.28
O1 GOL E . 12.15 -4.23 -15.38
C2 GOL E . 12.79 -6.19 -14.18
O2 GOL E . 14.10 -5.74 -14.37
C3 GOL E . 12.60 -6.82 -12.79
O3 GOL E . 13.64 -7.74 -12.60
H11 GOL E . 10.88 -5.41 -14.38
H12 GOL E . 11.77 -4.55 -13.44
HO1 GOL E . 11.53 -3.66 -15.48
H2 GOL E . 12.61 -6.84 -14.88
HO2 GOL E . 14.06 -4.98 -14.75
H31 GOL E . 11.72 -7.22 -12.76
H32 GOL E . 12.58 -6.11 -12.13
HO3 GOL E . 13.47 -8.14 -11.88
C10 A1IAD F . -14.45 3.78 -3.74
C10 A1IAD F . -14.75 3.56 -3.59
C15 A1IAD F . -16.57 5.18 -1.76
C15 A1IAD F . -16.99 4.49 -1.30
C11 A1IAD F . -13.97 5.08 -3.69
C11 A1IAD F . -14.26 4.86 -3.46
C12 A1IAD F . -14.26 5.94 -2.47
C12 A1IAD F . -14.73 5.62 -2.22
C14 A1IAD F . -15.26 5.41 -1.44
C14 A1IAD F . -15.69 4.99 -1.17
C01 A1IAD F . -10.01 8.80 -4.88
C01 A1IAD F . -11.04 9.16 -6.80
C02 A1IAD F . -11.35 8.78 -5.61
C02 A1IAD F . -11.09 8.15 -5.63
C03 A1IAD F . -11.27 9.52 -6.95
C03 A1IAD F . -10.75 8.87 -4.33
C04 A1IAD F . -11.82 7.35 -5.81
C04 A1IAD F . -12.45 7.46 -5.61
C06 A1IAD F . -13.18 5.56 -4.72
C06 A1IAD F . -13.33 5.35 -4.42
C07 A1IAD F . -12.91 4.75 -5.80
C07 A1IAD F . -12.95 4.53 -5.48
C08 A1IAD F . -13.39 3.45 -5.84
C08 A1IAD F . -13.45 3.25 -5.62
C09 A1IAD F . -14.17 2.97 -4.83
C09 A1IAD F . -14.34 2.78 -4.68
C16 A1IAD F . -17.23 5.30 -2.97
C16 A1IAD F . -17.80 4.37 -2.43
C17 A1IAD F . -17.98 4.23 -3.39
C17 A1IAD F . -18.68 3.30 -2.43
C18 A1IAD F . -18.67 4.30 -4.59
C18 A1IAD F . -19.52 3.10 -3.50
C19 A1IAD F . -18.59 5.44 -5.36
C19 A1IAD F . -19.47 3.94 -4.58
C21 A1IAD F . -17.83 6.53 -4.93
C21 A1IAD F . -18.61 5.01 -4.62
C22 A1IAD F . -17.15 6.45 -3.74
C22 A1IAD F . -17.74 5.21 -3.53
C24 A1IAD F . -15.94 4.67 0.72
C24 A1IAD F . -16.05 4.40 1.11
C25 A1IAD F . -15.76 4.37 2.09
C25 A1IAD F . -15.66 4.31 2.44
C26 A1IAD F . -14.51 4.56 2.65
C26 A1IAD F . -14.38 4.75 2.82
C28 A1IAD F . -13.47 5.04 1.88
C28 A1IAD F . -13.51 5.29 1.88
C29 A1IAD F . -13.67 5.34 0.55
C29 A1IAD F . -13.92 5.39 0.56
C30 A1IAD F . -14.93 5.16 -0.07
C30 A1IAD F . -15.21 4.95 0.16
N05 A1IAD F . -12.65 6.91 -4.70
N05 A1IAD F . -12.72 6.69 -4.39
O13 A1IAD F . -13.67 6.96 -2.31
O13 A1IAD F . -14.36 6.76 -2.07
O20 A1IAD F . -19.27 5.52 -6.58
O20 A1IAD F . -20.35 3.69 -5.63
O27 A1IAD F . -14.28 4.26 3.99
O27 A1IAD F . -13.99 4.65 4.15
S23 A1IAD F . -17.36 4.62 -0.30
S23 A1IAD F . -17.53 3.99 0.28
H101 A1IAD F . -15.04 3.39 -2.91
H101 A1IAD F . -15.43 3.16 -2.86
H011 A1IAD F . -9.91 9.72 -4.32
H011 A1IAD F . -11.27 10.15 -6.43
H012 A1IAD F . -9.20 8.73 -5.61
H012 A1IAD F . -10.04 9.16 -7.23
H013 A1IAD F . -9.95 7.95 -4.20
H013 A1IAD F . -11.76 8.87 -7.55
H021 A1IAD F . -12.08 9.31 -5.00
H021 A1IAD F . -10.35 7.38 -5.78
H033 A1IAD F . -10.53 9.04 -7.59
H033 A1IAD F . -11.67 9.18 -3.83
H032 A1IAD F . -12.24 9.49 -7.44
H032 A1IAD F . -10.14 9.75 -4.54
H031 A1IAD F . -10.99 10.56 -6.78
H031 A1IAD F . -10.21 8.20 -3.68
H041 A1IAD F . -12.38 7.27 -6.73
H041 A1IAD F . -13.23 8.21 -5.73
H042 A1IAD F . -10.95 6.70 -5.88
H042 A1IAD F . -12.50 6.77 -6.45
H071 A1IAD F . -12.32 5.14 -6.63
H071 A1IAD F . -12.25 4.91 -6.22
H081 A1IAD F . -13.14 2.81 -6.68
H081 A1IAD F . -13.15 2.63 -6.46
H091 A1IAD F . -14.58 1.97 -4.88
H091 A1IAD F . -14.75 1.78 -4.79
H171 A1IAD F . -18.05 3.34 -2.77
H171 A1IAD F . -18.71 2.63 -1.58
H181 A1IAD F . -19.26 3.45 -4.94
H181 A1IAD F . -20.22 2.27 -3.48
H211 A1IAD F . -17.77 7.43 -5.54
H211 A1IAD F . -18.58 5.69 -5.47
H221 A1IAD F . -16.54 7.29 -3.40
H221 A1IAD F . -17.04 6.03 -3.54
H251 A1IAD F . -16.58 4.00 2.68
H251 A1IAD F . -16.32 3.90 3.18
H281 A1IAD F . -12.50 5.19 2.33
H281 A1IAD F . -12.53 5.64 2.17
H291 A1IAD F . -12.83 5.72 -0.03
H291 A1IAD F . -13.24 5.81 -0.17
H051 A1IAD F . -12.85 7.53 -3.94
H051 A1IAD F . -12.48 7.10 -3.50
H201 A1IAD F . -19.67 4.69 -6.77
H201 A1IAD F . -19.90 3.21 -6.31
H271 A1IAD F . -13.39 4.48 4.21
H271 A1IAD F . -13.05 4.65 4.20
#